data_2FNO
#
_entry.id   2FNO
#
_cell.length_a   110.204
_cell.length_b   50.261
_cell.length_c   117.660
_cell.angle_alpha   90.000
_cell.angle_beta   115.720
_cell.angle_gamma   90.000
#
_symmetry.space_group_name_H-M   'C 1 2 1'
#
loop_
_entity.id
_entity.type
_entity.pdbx_description
1 polymer AGR_pAT_752p
2 non-polymer 'THIOCYANATE ION'
3 water water
#
_entity_poly.entity_id   1
_entity_poly.type   'polypeptide(L)'
_entity_poly.pdbx_seq_one_letter_code
;(MSE)GSDKIHHHHHH(MSE)EDG(MSE)NTFDLYYWPVPFRGQLIRGILAHCGCSWDEHDVDAIEGL(MSE)DCGAEKQ
PVAF(MSE)GPPVLIDRERNFAISQ(MSE)PAIAIYLGERLDILPATVEGRTLSAKIVNDANDVLDELTLNGGRE(MSE)
WTPEKWQEFVPRLQKWIRIFADTGARNGLSAASGF(MSE)LGTEKIGVADIVTAILWTTVADRFPAIKGIIEDTSPIIWG
LSRRVVATAPLAALNSKSFEEYGNAYCGGEIEKSLRKVAS
;
_entity_poly.pdbx_strand_id   A,B
#
loop_
_chem_comp.id
_chem_comp.type
_chem_comp.name
_chem_comp.formula
SCN non-polymer 'THIOCYANATE ION' 'C N S -1'
#
# COMPACT_ATOMS: atom_id res chain seq x y z
N HIS A 10 12.25 -22.78 -4.77
CA HIS A 10 12.43 -24.24 -5.08
C HIS A 10 13.75 -24.51 -5.83
N HIS A 11 14.86 -23.95 -5.30
CA HIS A 11 16.22 -24.26 -5.82
C HIS A 11 17.34 -24.38 -4.76
N HIS A 12 17.78 -25.62 -4.61
CA HIS A 12 18.79 -26.02 -3.66
C HIS A 12 19.74 -26.94 -4.44
N MSE A 13 20.74 -27.51 -3.72
CA MSE A 13 21.70 -28.39 -4.37
C MSE A 13 21.12 -29.81 -4.40
O MSE A 13 20.09 -30.11 -3.76
CB MSE A 13 23.02 -28.37 -3.58
CG MSE A 13 23.50 -26.99 -3.18
SE MSE A 13 24.32 -26.03 -4.71
CE MSE A 13 26.04 -27.02 -4.64
N GLU A 14 21.80 -30.71 -5.13
CA GLU A 14 21.35 -32.10 -5.24
C GLU A 14 21.41 -32.89 -3.90
N ASP A 15 22.12 -32.36 -2.90
CA ASP A 15 22.04 -32.89 -1.53
C ASP A 15 21.08 -32.07 -0.63
N GLY A 16 20.38 -31.07 -1.22
CA GLY A 16 19.38 -30.28 -0.49
C GLY A 16 19.87 -29.04 0.22
N MSE A 17 21.18 -28.83 0.22
CA MSE A 17 21.73 -27.63 0.81
C MSE A 17 21.28 -26.37 0.03
O MSE A 17 21.05 -26.41 -1.16
CB MSE A 17 23.25 -27.67 0.80
CG MSE A 17 23.91 -28.55 1.84
SE MSE A 17 25.67 -27.69 2.22
CE MSE A 17 25.01 -26.28 3.41
N ASN A 18 21.12 -25.27 0.74
CA ASN A 18 20.82 -23.97 0.07
C ASN A 18 21.89 -23.59 -0.95
N THR A 19 21.45 -23.11 -2.10
CA THR A 19 22.36 -22.65 -3.18
C THR A 19 23.26 -21.49 -2.69
N PHE A 20 22.68 -20.55 -1.93
CA PHE A 20 23.37 -19.39 -1.41
C PHE A 20 23.65 -19.42 0.12
N ASP A 21 24.77 -18.82 0.49
CA ASP A 21 25.23 -18.73 1.87
C ASP A 21 25.56 -17.24 2.12
N LEU A 22 24.82 -16.58 3.00
CA LEU A 22 24.98 -15.14 3.21
C LEU A 22 25.51 -14.85 4.59
N TYR A 23 26.56 -14.03 4.65
CA TYR A 23 27.07 -13.50 5.93
C TYR A 23 26.71 -12.07 6.04
N TYR A 24 25.77 -11.79 6.94
CA TYR A 24 25.48 -10.39 7.25
C TYR A 24 24.85 -10.30 8.65
N TRP A 25 25.13 -9.21 9.36
CA TRP A 25 24.62 -8.96 10.71
C TRP A 25 23.10 -9.13 10.83
N PRO A 26 22.62 -9.56 12.01
CA PRO A 26 21.18 -9.71 12.22
C PRO A 26 20.46 -8.39 12.48
N VAL A 27 20.58 -7.47 11.51
CA VAL A 27 19.85 -6.19 11.47
C VAL A 27 19.44 -5.99 10.04
N PRO A 28 18.30 -5.31 9.80
CA PRO A 28 17.81 -5.14 8.43
C PRO A 28 18.48 -3.97 7.70
N PHE A 29 19.81 -4.05 7.59
CA PHE A 29 20.58 -2.89 7.15
C PHE A 29 21.14 -3.12 5.75
N ARG A 30 22.46 -3.17 5.59
CA ARG A 30 23.03 -3.24 4.24
C ARG A 30 22.78 -4.56 3.51
N GLY A 31 22.84 -5.65 4.25
CA GLY A 31 22.50 -6.96 3.69
C GLY A 31 21.04 -7.22 3.49
N GLN A 32 20.15 -6.41 4.08
CA GLN A 32 18.71 -6.54 3.84
C GLN A 32 18.36 -6.37 2.36
N LEU A 33 19.17 -5.62 1.65
CA LEU A 33 18.92 -5.34 0.25
C LEU A 33 19.20 -6.62 -0.54
N ILE A 34 20.21 -7.37 -0.07
CA ILE A 34 20.53 -8.64 -0.70
C ILE A 34 19.48 -9.73 -0.33
N ARG A 35 19.07 -9.75 0.94
CA ARG A 35 18.00 -10.66 1.39
C ARG A 35 16.74 -10.41 0.58
N GLY A 36 16.46 -9.13 0.27
CA GLY A 36 15.31 -8.78 -0.56
C GLY A 36 15.36 -9.37 -1.98
N ILE A 37 16.54 -9.28 -2.62
CA ILE A 37 16.75 -9.83 -3.96
C ILE A 37 16.54 -11.36 -3.91
N LEU A 38 17.17 -12.02 -2.95
CA LEU A 38 17.03 -13.47 -2.76
C LEU A 38 15.57 -13.89 -2.54
N ALA A 39 14.89 -13.16 -1.67
CA ALA A 39 13.50 -13.46 -1.30
C ALA A 39 12.57 -13.25 -2.49
N HIS A 40 12.75 -12.12 -3.18
CA HIS A 40 11.96 -11.84 -4.37
C HIS A 40 12.04 -12.98 -5.38
N CYS A 41 13.25 -13.47 -5.66
CA CYS A 41 13.47 -14.54 -6.66
C CYS A 41 13.18 -15.94 -6.14
N GLY A 42 12.68 -16.05 -4.92
CA GLY A 42 12.21 -17.34 -4.39
C GLY A 42 13.38 -18.21 -3.96
N CYS A 43 14.52 -17.59 -3.65
CA CYS A 43 15.71 -18.33 -3.22
C CYS A 43 15.68 -18.65 -1.73
N SER A 44 16.45 -19.67 -1.36
CA SER A 44 16.72 -20.02 0.04
C SER A 44 18.24 -19.83 0.26
N TRP A 45 18.58 -19.42 1.47
CA TRP A 45 19.95 -19.14 1.82
C TRP A 45 20.22 -19.35 3.30
N ASP A 46 21.47 -19.67 3.63
CA ASP A 46 21.91 -19.79 5.00
C ASP A 46 22.32 -18.43 5.57
N GLU A 47 22.13 -18.26 6.88
CA GLU A 47 22.61 -17.07 7.59
C GLU A 47 23.56 -17.51 8.68
N HIS A 48 24.24 -16.54 9.27
CA HIS A 48 25.25 -16.80 10.28
C HIS A 48 25.08 -15.84 11.45
N ASP A 49 25.53 -16.27 12.63
CA ASP A 49 25.46 -15.43 13.81
C ASP A 49 26.67 -14.46 13.90
N VAL A 50 26.60 -13.54 14.86
CA VAL A 50 27.62 -12.48 15.02
C VAL A 50 29.03 -13.05 15.21
N ASP A 51 29.18 -14.08 16.04
CA ASP A 51 30.49 -14.71 16.25
C ASP A 51 31.06 -15.27 14.96
N ALA A 52 30.23 -15.93 14.14
CA ALA A 52 30.67 -16.46 12.83
C ALA A 52 31.10 -15.37 11.86
N ILE A 53 30.36 -14.26 11.89
CA ILE A 53 30.66 -13.14 10.98
C ILE A 53 31.99 -12.48 11.40
N GLU A 54 32.15 -12.23 12.71
CA GLU A 54 33.40 -11.67 13.22
C GLU A 54 34.58 -12.62 12.94
N GLY A 55 34.36 -13.92 13.09
CA GLY A 55 35.37 -14.92 12.72
C GLY A 55 35.81 -14.80 11.26
N LEU A 56 34.86 -14.64 10.34
CA LEU A 56 35.15 -14.59 8.93
C LEU A 56 35.96 -13.31 8.60
N MSE A 57 35.69 -12.25 9.34
CA MSE A 57 36.40 -11.00 9.14
C MSE A 57 37.84 -11.12 9.60
O MSE A 57 38.70 -10.45 9.03
CB MSE A 57 35.70 -9.84 9.88
CG MSE A 57 34.36 -9.49 9.28
SE MSE A 57 33.29 -8.17 10.35
CE MSE A 57 34.40 -6.63 9.81
N ASP A 58 38.10 -11.96 10.60
CA ASP A 58 39.39 -11.95 11.29
C ASP A 58 40.29 -13.14 10.95
N CYS A 59 39.85 -14.02 10.05
CA CYS A 59 40.61 -15.23 9.83
C CYS A 59 41.83 -15.05 8.87
N GLY A 60 41.97 -13.86 8.27
CA GLY A 60 43.06 -13.63 7.32
C GLY A 60 42.53 -13.74 5.89
N ALA A 61 43.07 -12.91 5.01
CA ALA A 61 42.57 -12.72 3.65
C ALA A 61 42.54 -14.04 2.92
N GLU A 62 43.59 -14.82 3.10
CA GLU A 62 43.76 -16.11 2.39
C GLU A 62 42.75 -17.16 2.79
N LYS A 63 42.17 -17.01 3.99
CA LYS A 63 41.17 -17.97 4.52
C LYS A 63 39.74 -17.50 4.34
N GLN A 64 39.51 -16.28 3.83
CA GLN A 64 38.16 -15.79 3.54
C GLN A 64 37.71 -16.45 2.23
N PRO A 65 36.41 -16.61 2.04
CA PRO A 65 35.89 -17.13 0.74
C PRO A 65 36.26 -16.21 -0.46
N VAL A 66 36.21 -14.91 -0.20
CA VAL A 66 36.86 -13.87 -1.03
C VAL A 66 37.39 -12.87 -0.02
N ALA A 67 38.54 -12.27 -0.27
CA ALA A 67 39.07 -11.22 0.65
C ALA A 67 38.07 -10.04 0.70
N PHE A 68 37.69 -9.63 1.90
CA PHE A 68 36.72 -8.53 2.08
C PHE A 68 37.02 -7.80 3.39
N MSE A 69 36.43 -6.62 3.56
CA MSE A 69 36.59 -5.80 4.76
C MSE A 69 35.38 -5.95 5.69
O MSE A 69 35.49 -6.42 6.80
CB MSE A 69 36.70 -4.34 4.31
CG MSE A 69 37.04 -3.31 5.49
SE MSE A 69 38.47 -3.74 6.83
CE MSE A 69 40.03 -3.04 5.84
N GLY A 70 34.20 -5.59 5.18
CA GLY A 70 32.95 -5.78 5.90
C GLY A 70 31.91 -6.56 5.13
N PRO A 71 30.94 -7.11 5.86
CA PRO A 71 29.85 -7.82 5.23
C PRO A 71 28.85 -6.84 4.56
N PRO A 72 27.93 -7.34 3.72
CA PRO A 72 27.64 -8.73 3.39
C PRO A 72 28.72 -9.45 2.57
N VAL A 73 28.85 -10.74 2.79
CA VAL A 73 29.56 -11.67 1.90
C VAL A 73 28.58 -12.80 1.48
N LEU A 74 28.54 -13.09 0.18
CA LEU A 74 27.69 -14.10 -0.41
C LEU A 74 28.53 -15.17 -1.06
N ILE A 75 28.24 -16.42 -0.73
CA ILE A 75 28.80 -17.59 -1.39
C ILE A 75 27.67 -18.22 -2.22
N ASP A 76 27.98 -18.42 -3.50
CA ASP A 76 27.12 -19.08 -4.46
C ASP A 76 27.64 -20.47 -4.63
N ARG A 77 27.02 -21.46 -3.95
CA ARG A 77 27.59 -22.79 -3.90
C ARG A 77 27.51 -23.52 -5.25
N GLU A 78 26.52 -23.16 -6.06
CA GLU A 78 26.33 -23.75 -7.40
C GLU A 78 27.47 -23.39 -8.37
N ARG A 79 28.00 -22.17 -8.20
CA ARG A 79 29.04 -21.66 -9.09
C ARG A 79 30.38 -21.66 -8.40
N ASN A 80 30.40 -22.11 -7.14
CA ASN A 80 31.59 -22.06 -6.32
C ASN A 80 32.28 -20.71 -6.35
N PHE A 81 31.52 -19.65 -6.06
CA PHE A 81 31.95 -18.26 -6.21
C PHE A 81 31.49 -17.42 -5.02
N ALA A 82 32.40 -16.59 -4.52
CA ALA A 82 32.20 -15.74 -3.36
C ALA A 82 32.40 -14.26 -3.75
N ILE A 83 31.57 -13.42 -3.18
CA ILE A 83 31.58 -12.02 -3.54
C ILE A 83 31.21 -11.18 -2.32
N SER A 84 31.90 -10.06 -2.15
CA SER A 84 31.56 -9.06 -1.17
C SER A 84 31.31 -7.75 -1.92
N GLN A 85 31.02 -6.72 -1.15
CA GLN A 85 30.58 -5.40 -1.59
C GLN A 85 29.09 -5.47 -2.06
N MSE A 86 28.21 -4.91 -1.26
CA MSE A 86 26.79 -5.07 -1.49
C MSE A 86 26.42 -4.67 -2.91
O MSE A 86 25.67 -5.40 -3.52
CB MSE A 86 25.96 -4.34 -0.41
CG MSE A 86 24.46 -4.41 -0.65
SE MSE A 86 23.70 -3.09 -1.86
CE MSE A 86 23.69 -1.60 -0.59
N PRO A 87 26.95 -3.53 -3.47
CA PRO A 87 26.60 -3.26 -4.89
C PRO A 87 27.07 -4.30 -5.89
N ALA A 88 28.25 -4.91 -5.68
CA ALA A 88 28.70 -6.02 -6.53
C ALA A 88 27.81 -7.28 -6.36
N ILE A 89 27.46 -7.62 -5.12
CA ILE A 89 26.58 -8.76 -4.87
C ILE A 89 25.18 -8.55 -5.55
N ALA A 90 24.62 -7.34 -5.43
CA ALA A 90 23.26 -7.07 -5.96
C ALA A 90 23.23 -7.30 -7.46
N ILE A 91 24.25 -6.80 -8.16
CA ILE A 91 24.26 -6.86 -9.64
C ILE A 91 24.57 -8.30 -10.09
N TYR A 92 25.48 -8.97 -9.36
CA TYR A 92 25.74 -10.38 -9.56
C TYR A 92 24.47 -11.21 -9.49
N LEU A 93 23.71 -11.05 -8.42
CA LEU A 93 22.44 -11.74 -8.25
C LEU A 93 21.43 -11.33 -9.28
N GLY A 94 21.45 -10.07 -9.68
CA GLY A 94 20.54 -9.66 -10.74
C GLY A 94 20.77 -10.38 -12.05
N GLU A 95 22.04 -10.60 -12.39
CA GLU A 95 22.38 -11.36 -13.58
C GLU A 95 22.05 -12.84 -13.42
N ARG A 96 22.52 -13.40 -12.31
CA ARG A 96 22.32 -14.79 -12.02
C ARG A 96 20.82 -15.19 -11.98
N LEU A 97 19.98 -14.30 -11.44
CA LEU A 97 18.54 -14.57 -11.26
C LEU A 97 17.64 -13.88 -12.29
N ASP A 98 18.26 -13.23 -13.27
CA ASP A 98 17.55 -12.72 -14.42
C ASP A 98 16.52 -11.63 -14.09
N ILE A 99 16.90 -10.69 -13.24
CA ILE A 99 16.04 -9.57 -12.88
C ILE A 99 16.77 -8.24 -13.10
N LEU A 100 17.53 -8.15 -14.20
CA LEU A 100 18.11 -6.90 -14.64
C LEU A 100 17.61 -6.57 -16.03
N PRO A 101 17.65 -5.29 -16.44
CA PRO A 101 17.33 -4.99 -17.83
C PRO A 101 18.29 -5.62 -18.83
N ALA A 102 17.83 -5.71 -20.07
CA ALA A 102 18.56 -6.38 -21.16
C ALA A 102 19.61 -5.51 -21.86
N THR A 103 19.75 -4.25 -21.46
CA THR A 103 20.71 -3.35 -22.08
C THR A 103 21.83 -3.04 -21.12
N VAL A 104 22.99 -2.72 -21.70
CA VAL A 104 24.13 -2.26 -20.90
C VAL A 104 23.76 -1.01 -20.10
N GLU A 105 22.95 -0.14 -20.71
CA GLU A 105 22.48 1.06 -20.08
C GLU A 105 21.67 0.75 -18.85
N GLY A 106 20.77 -0.23 -18.97
CA GLY A 106 19.85 -0.57 -17.90
C GLY A 106 20.56 -1.26 -16.77
N ARG A 107 21.49 -2.15 -17.11
CA ARG A 107 22.34 -2.80 -16.12
C ARG A 107 23.20 -1.79 -15.37
N THR A 108 23.71 -0.81 -16.11
CA THR A 108 24.59 0.22 -15.57
C THR A 108 23.85 1.20 -14.67
N LEU A 109 22.67 1.67 -15.07
CA LEU A 109 21.80 2.43 -14.18
C LEU A 109 21.44 1.64 -12.92
N SER A 110 21.21 0.34 -13.06
CA SER A 110 20.93 -0.49 -11.88
C SER A 110 22.11 -0.49 -10.89
N ALA A 111 23.32 -0.59 -11.43
CA ALA A 111 24.56 -0.40 -10.61
C ALA A 111 24.61 0.97 -9.98
N LYS A 112 24.37 2.03 -10.78
CA LYS A 112 24.25 3.35 -10.14
C LYS A 112 23.28 3.43 -8.98
N ILE A 113 22.06 2.94 -9.18
CA ILE A 113 21.06 2.97 -8.13
C ILE A 113 21.47 2.18 -6.87
N VAL A 114 22.06 0.97 -7.01
CA VAL A 114 22.57 0.22 -5.85
C VAL A 114 23.71 0.94 -5.09
N ASN A 115 24.59 1.62 -5.83
CA ASN A 115 25.65 2.38 -5.21
C ASN A 115 25.06 3.58 -4.48
N ASP A 116 24.05 4.22 -5.09
CA ASP A 116 23.36 5.31 -4.44
C ASP A 116 22.76 4.83 -3.12
N ALA A 117 22.04 3.71 -3.17
CA ALA A 117 21.51 3.05 -1.96
C ALA A 117 22.59 2.78 -0.93
N ASN A 118 23.72 2.17 -1.37
CA ASN A 118 24.84 1.90 -0.47
C ASN A 118 25.29 3.20 0.24
N ASP A 119 25.32 4.30 -0.53
CA ASP A 119 25.68 5.62 0.00
C ASP A 119 24.68 6.23 0.98
N VAL A 120 23.39 6.07 0.72
CA VAL A 120 22.36 6.59 1.64
C VAL A 120 22.48 5.88 2.98
N LEU A 121 22.74 4.56 2.94
CA LEU A 121 22.89 3.79 4.15
C LEU A 121 24.06 4.29 5.03
N ASP A 122 25.17 4.58 4.39
CA ASP A 122 26.27 5.21 5.06
C ASP A 122 26.00 6.60 5.61
N GLU A 123 25.35 7.44 4.85
CA GLU A 123 25.06 8.78 5.35
C GLU A 123 24.07 8.77 6.53
N LEU A 124 23.10 7.88 6.52
CA LEU A 124 22.14 7.72 7.63
C LEU A 124 22.82 7.34 8.92
N THR A 125 23.94 6.63 8.82
CA THR A 125 24.65 6.10 9.99
C THR A 125 26.02 6.78 10.21
N LEU A 126 26.22 7.91 9.55
CA LEU A 126 27.48 8.69 9.70
C LEU A 126 28.71 7.76 9.52
N ASN A 127 28.65 6.94 8.49
CA ASN A 127 29.73 6.05 8.14
C ASN A 127 30.15 5.01 9.19
N GLY A 128 29.25 4.68 10.10
CA GLY A 128 29.46 3.62 11.09
C GLY A 128 30.67 3.74 11.99
N GLY A 129 31.10 4.98 12.25
CA GLY A 129 32.27 5.23 13.07
C GLY A 129 31.91 5.84 14.41
N ARG A 130 32.80 6.68 14.89
CA ARG A 130 32.64 7.31 16.21
C ARG A 130 31.69 8.53 16.20
N GLU A 131 31.37 9.07 15.02
CA GLU A 131 30.46 10.23 14.93
C GLU A 131 28.97 9.86 15.20
N MSE A 132 28.34 10.65 16.06
CA MSE A 132 26.95 10.48 16.47
C MSE A 132 26.12 11.61 15.92
O MSE A 132 26.64 12.69 15.61
CB MSE A 132 26.81 10.55 17.99
CG MSE A 132 27.51 9.44 18.78
SE MSE A 132 26.81 7.68 18.34
CE MSE A 132 28.11 7.08 17.01
N TRP A 133 24.82 11.37 15.81
CA TRP A 133 23.87 12.40 15.41
C TRP A 133 23.64 13.36 16.56
N THR A 134 23.44 14.61 16.21
CA THR A 134 22.87 15.59 17.11
C THR A 134 21.65 16.15 16.38
N PRO A 135 20.76 16.87 17.08
CA PRO A 135 19.64 17.52 16.38
C PRO A 135 20.12 18.49 15.31
N GLU A 136 21.25 19.13 15.54
CA GLU A 136 21.85 20.08 14.59
C GLU A 136 22.38 19.42 13.29
N LYS A 137 23.16 18.35 13.41
CA LYS A 137 23.62 17.59 12.24
C LYS A 137 22.41 17.07 11.44
N TRP A 138 21.37 16.66 12.15
CA TRP A 138 20.17 16.15 11.52
C TRP A 138 19.42 17.18 10.67
N GLN A 139 19.20 18.37 11.21
CA GLN A 139 18.56 19.43 10.45
C GLN A 139 19.37 19.80 9.19
N GLU A 140 20.69 19.79 9.30
CA GLU A 140 21.56 20.04 8.15
C GLU A 140 21.41 18.96 7.08
N PHE A 141 21.23 17.72 7.53
CA PHE A 141 21.11 16.57 6.67
C PHE A 141 19.78 16.46 5.92
N VAL A 142 18.68 16.90 6.53
CA VAL A 142 17.36 16.75 5.93
C VAL A 142 17.32 17.19 4.45
N PRO A 143 17.79 18.41 4.12
CA PRO A 143 17.79 18.77 2.68
C PRO A 143 18.60 17.82 1.80
N ARG A 144 19.67 17.23 2.33
CA ARG A 144 20.47 16.30 1.55
C ARG A 144 19.74 14.97 1.37
N LEU A 145 19.12 14.51 2.45
CA LEU A 145 18.25 13.34 2.36
C LEU A 145 17.13 13.58 1.32
N GLN A 146 16.52 14.78 1.32
CA GLN A 146 15.49 15.12 0.32
C GLN A 146 16.06 15.06 -1.10
N LYS A 147 17.27 15.56 -1.26
CA LYS A 147 17.96 15.47 -2.52
C LYS A 147 18.23 14.02 -2.97
N TRP A 148 18.63 13.13 -2.04
CA TRP A 148 18.78 11.75 -2.38
C TRP A 148 17.46 11.14 -2.86
N ILE A 149 16.39 11.42 -2.12
CA ILE A 149 15.08 10.90 -2.50
C ILE A 149 14.72 11.34 -3.91
N ARG A 150 15.00 12.61 -4.21
CA ARG A 150 14.69 13.14 -5.53
C ARG A 150 15.57 12.57 -6.64
N ILE A 151 16.75 12.06 -6.28
CA ILE A 151 17.67 11.41 -7.25
C ILE A 151 17.11 10.09 -7.69
N PHE A 152 16.65 9.31 -6.72
CA PHE A 152 15.81 8.16 -7.03
C PHE A 152 14.50 8.51 -7.80
N ALA A 153 13.73 9.49 -7.36
CA ALA A 153 12.47 9.78 -7.96
C ALA A 153 12.70 10.19 -9.43
N ASP A 154 13.77 10.94 -9.68
CA ASP A 154 14.02 11.43 -11.03
C ASP A 154 14.26 10.31 -12.06
N THR A 155 15.07 9.31 -11.70
CA THR A 155 15.35 8.20 -12.65
C THR A 155 14.06 7.44 -12.98
N GLY A 156 13.27 7.14 -11.95
CA GLY A 156 11.89 6.66 -12.10
C GLY A 156 11.06 7.49 -13.07
N ALA A 157 11.02 8.80 -12.83
CA ALA A 157 10.20 9.71 -13.62
C ALA A 157 10.61 9.71 -15.10
N ARG A 158 11.90 9.64 -15.42
CA ARG A 158 12.34 9.55 -16.82
C ARG A 158 11.89 8.25 -17.48
N ASN A 159 11.57 7.26 -16.67
CA ASN A 159 11.08 5.97 -17.16
C ASN A 159 9.59 5.76 -16.96
N GLY A 160 8.85 6.85 -16.74
CA GLY A 160 7.40 6.79 -16.63
C GLY A 160 6.82 6.38 -15.29
N LEU A 161 7.61 6.39 -14.23
CA LEU A 161 7.14 5.90 -12.93
C LEU A 161 6.05 6.82 -12.35
N SER A 162 5.03 6.19 -11.76
CA SER A 162 4.07 6.90 -10.94
C SER A 162 3.98 6.15 -9.59
N ALA A 163 3.34 6.78 -8.63
CA ALA A 163 3.05 6.15 -7.37
C ALA A 163 2.34 4.82 -7.53
N ALA A 164 1.40 4.74 -8.47
CA ALA A 164 0.44 3.65 -8.56
C ALA A 164 0.85 2.53 -9.54
N SER A 165 1.78 2.81 -10.43
CA SER A 165 2.25 1.82 -11.37
C SER A 165 3.58 2.16 -12.06
N GLY A 166 4.19 1.12 -12.59
CA GLY A 166 5.50 1.21 -13.18
C GLY A 166 6.62 0.81 -12.25
N PHE A 167 7.78 0.59 -12.85
CA PHE A 167 8.97 0.22 -12.13
C PHE A 167 10.04 1.24 -12.48
N MSE A 168 11.10 1.20 -11.67
CA MSE A 168 12.16 2.21 -11.71
C MSE A 168 12.77 2.50 -13.08
O MSE A 168 13.04 3.66 -13.41
CB MSE A 168 13.28 1.87 -10.72
CG MSE A 168 12.85 2.10 -9.24
SE MSE A 168 12.87 4.07 -8.67
CE MSE A 168 14.83 4.13 -8.74
N LEU A 169 13.01 1.43 -13.85
CA LEU A 169 13.64 1.53 -15.12
C LEU A 169 12.64 1.26 -16.20
N GLY A 170 11.34 1.44 -15.94
CA GLY A 170 10.37 1.33 -17.00
C GLY A 170 10.20 -0.10 -17.51
N THR A 171 10.56 -1.10 -16.69
CA THR A 171 10.55 -2.50 -17.13
C THR A 171 9.17 -3.15 -16.94
N GLU A 172 8.97 -4.34 -17.51
CA GLU A 172 7.73 -5.10 -17.37
C GLU A 172 7.53 -5.61 -15.96
N LYS A 173 8.63 -6.00 -15.32
CA LYS A 173 8.62 -6.56 -13.98
C LYS A 173 9.61 -5.85 -13.07
N ILE A 174 9.42 -6.08 -11.77
CA ILE A 174 10.38 -5.75 -10.70
C ILE A 174 11.80 -6.20 -11.11
N GLY A 175 12.77 -5.30 -10.98
CA GLY A 175 14.16 -5.65 -11.15
C GLY A 175 14.96 -5.30 -9.90
N VAL A 176 16.27 -5.50 -9.97
CA VAL A 176 17.13 -5.17 -8.80
C VAL A 176 16.88 -3.75 -8.31
N ALA A 177 16.76 -2.82 -9.27
CA ALA A 177 16.64 -1.44 -8.95
C ALA A 177 15.43 -1.16 -8.04
N ASP A 178 14.34 -1.81 -8.36
CA ASP A 178 13.11 -1.70 -7.56
C ASP A 178 13.22 -2.27 -6.19
N ILE A 179 13.77 -3.46 -6.12
CA ILE A 179 13.98 -4.12 -4.84
C ILE A 179 14.86 -3.31 -3.86
N VAL A 180 15.99 -2.81 -4.33
CA VAL A 180 16.95 -2.14 -3.51
C VAL A 180 16.34 -0.80 -3.09
N THR A 181 15.71 -0.10 -4.04
CA THR A 181 15.00 1.16 -3.75
C THR A 181 13.93 0.93 -2.66
N ALA A 182 13.08 -0.09 -2.86
CA ALA A 182 11.92 -0.38 -1.94
C ALA A 182 12.39 -0.75 -0.56
N ILE A 183 13.41 -1.62 -0.46
CA ILE A 183 13.89 -2.05 0.84
C ILE A 183 14.63 -0.91 1.55
N LEU A 184 15.44 -0.15 0.81
CA LEU A 184 16.13 1.01 1.39
C LEU A 184 15.14 1.92 2.07
N TRP A 185 14.16 2.40 1.35
CA TRP A 185 13.31 3.47 1.87
C TRP A 185 12.29 2.96 2.91
N THR A 186 11.66 1.83 2.60
CA THR A 186 10.64 1.28 3.54
C THR A 186 11.21 0.89 4.88
N THR A 187 12.41 0.29 4.88
CA THR A 187 13.01 -0.21 6.13
C THR A 187 13.26 0.94 7.12
N VAL A 188 13.85 2.01 6.61
CA VAL A 188 14.12 3.19 7.43
C VAL A 188 12.81 3.96 7.78
N ALA A 189 11.91 4.10 6.81
CA ALA A 189 10.58 4.70 7.04
C ALA A 189 9.84 4.02 8.19
N ASP A 190 9.80 2.68 8.14
CA ASP A 190 9.02 1.91 9.12
C ASP A 190 9.55 2.04 10.54
N ARG A 191 10.81 2.46 10.70
CA ARG A 191 11.45 2.55 12.01
C ARG A 191 11.65 3.97 12.55
N PHE A 192 11.56 4.99 11.69
CA PHE A 192 11.87 6.39 12.08
C PHE A 192 10.83 7.31 11.49
N PRO A 193 9.82 7.70 12.30
CA PRO A 193 8.70 8.49 11.76
C PRO A 193 9.06 9.81 11.04
N ALA A 194 10.11 10.51 11.46
CA ALA A 194 10.54 11.72 10.74
C ALA A 194 10.93 11.41 9.30
N ILE A 195 11.60 10.27 9.09
CA ILE A 195 12.12 9.90 7.79
C ILE A 195 10.98 9.43 6.91
N LYS A 196 10.07 8.63 7.46
CA LYS A 196 8.82 8.30 6.79
C LYS A 196 8.10 9.57 6.26
N GLY A 197 7.96 10.60 7.13
CA GLY A 197 7.29 11.84 6.74
C GLY A 197 8.02 12.62 5.65
N ILE A 198 9.34 12.59 5.68
CA ILE A 198 10.16 13.19 4.63
C ILE A 198 9.98 12.50 3.27
N ILE A 199 9.93 11.16 3.26
CA ILE A 199 9.76 10.41 2.01
C ILE A 199 8.38 10.71 1.40
N GLU A 200 7.33 10.57 2.23
CA GLU A 200 5.94 10.89 1.86
C GLU A 200 5.80 12.32 1.34
N ASP A 201 6.48 13.28 1.97
CA ASP A 201 6.34 14.66 1.57
C ASP A 201 7.20 14.98 0.36
N THR A 202 8.33 14.30 0.18
CA THR A 202 9.28 14.66 -0.88
C THR A 202 8.95 13.96 -2.21
N SER A 203 8.66 12.67 -2.18
CA SER A 203 8.37 11.91 -3.42
C SER A 203 7.29 10.88 -3.18
N PRO A 204 6.01 11.27 -3.34
CA PRO A 204 4.92 10.31 -3.45
C PRO A 204 5.21 9.15 -4.45
N ILE A 205 5.98 9.40 -5.52
CA ILE A 205 6.19 8.40 -6.56
C ILE A 205 7.15 7.31 -6.00
N ILE A 206 8.17 7.72 -5.25
CA ILE A 206 9.09 6.77 -4.66
C ILE A 206 8.37 6.05 -3.51
N TRP A 207 7.59 6.81 -2.71
CA TRP A 207 6.75 6.16 -1.69
C TRP A 207 5.89 5.01 -2.33
N GLY A 208 5.14 5.36 -3.38
CA GLY A 208 4.23 4.39 -3.99
C GLY A 208 4.96 3.19 -4.57
N LEU A 209 6.02 3.42 -5.31
CA LEU A 209 6.83 2.32 -5.86
C LEU A 209 7.34 1.39 -4.74
N SER A 210 7.86 1.99 -3.67
CA SER A 210 8.50 1.23 -2.58
C SER A 210 7.45 0.41 -1.88
N ARG A 211 6.31 1.03 -1.63
CA ARG A 211 5.19 0.34 -0.94
C ARG A 211 4.54 -0.72 -1.83
N ARG A 212 4.46 -0.49 -3.14
CA ARG A 212 3.97 -1.57 -4.01
C ARG A 212 4.94 -2.79 -3.99
N VAL A 213 6.22 -2.53 -4.07
CA VAL A 213 7.18 -3.62 -4.17
C VAL A 213 7.17 -4.47 -2.90
N VAL A 214 7.21 -3.83 -1.74
CA VAL A 214 7.23 -4.60 -0.46
C VAL A 214 5.87 -5.20 -0.07
N ALA A 215 4.78 -4.78 -0.73
CA ALA A 215 3.48 -5.51 -0.62
C ALA A 215 3.48 -6.89 -1.32
N THR A 216 4.39 -7.15 -2.26
CA THR A 216 4.42 -8.45 -2.90
C THR A 216 4.68 -9.55 -1.83
N ALA A 217 4.07 -10.72 -2.02
CA ALA A 217 4.13 -11.78 -1.00
C ALA A 217 5.54 -12.08 -0.45
N PRO A 218 6.52 -12.35 -1.33
CA PRO A 218 7.85 -12.67 -0.81
C PRO A 218 8.48 -11.56 0.05
N LEU A 219 8.25 -10.32 -0.31
CA LEU A 219 8.88 -9.21 0.44
C LEU A 219 8.07 -8.83 1.67
N ALA A 220 6.75 -9.02 1.62
CA ALA A 220 5.89 -8.82 2.77
C ALA A 220 6.27 -9.88 3.85
N ALA A 221 6.50 -11.13 3.41
CA ALA A 221 6.97 -12.22 4.31
C ALA A 221 8.38 -11.98 4.85
N LEU A 222 9.31 -11.48 4.02
CA LEU A 222 10.63 -11.10 4.50
C LEU A 222 10.57 -9.97 5.54
N ASN A 223 9.73 -8.97 5.29
CA ASN A 223 9.58 -7.84 6.21
C ASN A 223 9.11 -8.30 7.58
N SER A 224 8.09 -9.15 7.59
CA SER A 224 7.55 -9.67 8.84
C SER A 224 8.53 -10.56 9.58
N LYS A 225 9.23 -11.41 8.83
CA LYS A 225 10.22 -12.33 9.40
C LYS A 225 11.39 -11.56 10.00
N SER A 226 11.72 -10.42 9.40
CA SER A 226 12.80 -9.56 9.89
C SER A 226 12.42 -8.81 11.16
N PHE A 227 11.19 -8.37 11.25
CA PHE A 227 10.70 -7.82 12.51
C PHE A 227 10.68 -8.85 13.66
N GLU A 228 10.28 -10.07 13.35
CA GLU A 228 10.23 -11.10 14.39
C GLU A 228 11.60 -11.60 14.81
N GLU A 229 12.57 -11.59 13.91
CA GLU A 229 13.94 -11.96 14.25
C GLU A 229 14.75 -10.82 14.88
N TYR A 230 14.57 -9.59 14.40
CA TYR A 230 15.47 -8.48 14.76
C TYR A 230 14.87 -7.44 15.69
N GLY A 231 13.58 -7.59 16.02
CA GLY A 231 12.84 -6.55 16.73
C GLY A 231 12.75 -5.26 15.93
N ASN A 232 12.91 -4.12 16.58
CA ASN A 232 12.82 -2.82 15.88
C ASN A 232 14.17 -2.34 15.35
N ALA A 233 15.21 -3.17 15.47
CA ALA A 233 16.56 -2.80 15.06
C ALA A 233 16.58 -2.39 13.59
N TYR A 234 17.45 -1.40 13.32
CA TYR A 234 17.68 -0.90 11.99
C TYR A 234 19.13 -1.24 11.67
N CYS A 235 20.09 -0.58 12.36
CA CYS A 235 21.53 -0.83 12.13
C CYS A 235 22.40 -1.53 13.22
N GLY A 236 22.05 -1.61 14.49
CA GLY A 236 21.81 -0.48 15.34
C GLY A 236 23.13 -0.07 15.98
N GLY A 237 23.49 -0.66 17.11
CA GLY A 237 24.63 -0.13 17.88
C GLY A 237 24.29 1.22 18.48
N GLU A 238 25.30 1.97 18.94
CA GLU A 238 25.04 3.33 19.50
C GLU A 238 24.54 4.31 18.43
N ILE A 239 24.99 4.14 17.18
CA ILE A 239 24.60 5.05 16.13
C ILE A 239 23.07 5.04 15.92
N GLU A 240 22.46 3.85 15.99
CA GLU A 240 21.00 3.73 15.97
C GLU A 240 20.29 4.48 17.07
N LYS A 241 20.79 4.38 18.30
CA LYS A 241 20.27 5.16 19.41
C LYS A 241 20.26 6.66 19.13
N SER A 242 21.34 7.18 18.54
CA SER A 242 21.42 8.62 18.24
C SER A 242 20.50 9.01 17.06
N LEU A 243 20.40 8.18 16.03
CA LEU A 243 19.42 8.40 14.97
C LEU A 243 17.98 8.41 15.51
N ARG A 244 17.67 7.47 16.41
CA ARG A 244 16.34 7.43 17.04
C ARG A 244 15.99 8.73 17.77
N LYS A 245 17.00 9.32 18.44
CA LYS A 245 16.84 10.57 19.18
C LYS A 245 16.49 11.70 18.22
N VAL A 246 17.06 11.72 17.02
CA VAL A 246 16.83 12.85 16.09
C VAL A 246 15.77 12.64 15.00
N ALA A 247 15.45 11.39 14.67
CA ALA A 247 14.63 11.08 13.48
C ALA A 247 13.35 10.35 13.85
N SER A 248 12.93 10.45 15.10
CA SER A 248 11.67 9.85 15.50
C SER A 248 10.51 10.86 15.45
N ASP B 15 -28.79 -2.21 27.45
CA ASP B 15 -28.98 -3.69 27.50
C ASP B 15 -27.98 -4.48 26.65
N GLY B 16 -26.97 -3.81 26.10
CA GLY B 16 -25.91 -4.48 25.34
C GLY B 16 -26.22 -4.64 23.85
N MSE B 17 -27.43 -4.30 23.44
CA MSE B 17 -27.75 -4.36 22.01
C MSE B 17 -26.99 -3.28 21.25
O MSE B 17 -26.61 -2.24 21.81
CB MSE B 17 -29.25 -4.25 21.69
CG MSE B 17 -30.15 -3.59 22.72
SE MSE B 17 -31.42 -2.49 21.69
CE MSE B 17 -30.20 -0.97 21.30
N ASN B 18 -26.74 -3.54 19.98
CA ASN B 18 -26.07 -2.59 19.14
C ASN B 18 -26.86 -1.28 19.00
N THR B 19 -26.14 -0.16 19.00
CA THR B 19 -26.70 1.17 18.74
C THR B 19 -27.37 1.22 17.34
N PHE B 20 -26.67 0.69 16.33
CA PHE B 20 -27.11 0.73 14.93
C PHE B 20 -27.65 -0.60 14.38
N ASP B 21 -28.67 -0.51 13.55
CA ASP B 21 -29.31 -1.65 12.88
C ASP B 21 -29.34 -1.33 11.38
N LEU B 22 -28.62 -2.11 10.57
CA LEU B 22 -28.47 -1.82 9.16
C LEU B 22 -29.13 -2.89 8.30
N TYR B 23 -29.96 -2.43 7.38
CA TYR B 23 -30.53 -3.29 6.33
C TYR B 23 -29.83 -3.00 5.01
N TYR B 24 -29.01 -3.94 4.57
CA TYR B 24 -28.45 -3.90 3.22
C TYR B 24 -28.06 -5.32 2.78
N TRP B 25 -28.17 -5.57 1.47
CA TRP B 25 -27.87 -6.86 0.85
C TRP B 25 -26.47 -7.39 1.20
N PRO B 26 -26.30 -8.71 1.23
CA PRO B 26 -24.98 -9.29 1.53
C PRO B 26 -24.01 -9.25 0.33
N VAL B 27 -23.76 -8.05 -0.16
CA VAL B 27 -22.73 -7.81 -1.17
C VAL B 27 -22.10 -6.49 -0.73
N PRO B 28 -20.83 -6.27 -1.09
CA PRO B 28 -20.13 -5.07 -0.66
C PRO B 28 -20.37 -3.92 -1.64
N PHE B 29 -21.63 -3.51 -1.79
CA PHE B 29 -22.01 -2.56 -2.83
C PHE B 29 -22.37 -1.19 -2.20
N ARG B 30 -23.63 -0.78 -2.26
CA ARG B 30 -24.00 0.56 -1.84
C ARG B 30 -23.93 0.74 -0.33
N GLY B 31 -24.37 -0.27 0.41
CA GLY B 31 -24.26 -0.29 1.85
C GLY B 31 -22.87 -0.50 2.41
N GLN B 32 -21.94 -0.95 1.58
CA GLN B 32 -20.55 -1.12 2.02
C GLN B 32 -19.94 0.22 2.48
N LEU B 33 -20.38 1.32 1.87
CA LEU B 33 -19.87 2.63 2.21
C LEU B 33 -20.30 2.98 3.63
N ILE B 34 -21.51 2.55 4.00
CA ILE B 34 -22.02 2.81 5.32
C ILE B 34 -21.34 1.87 6.34
N ARG B 35 -21.15 0.62 5.94
CA ARG B 35 -20.42 -0.33 6.78
C ARG B 35 -19.01 0.20 7.09
N GLY B 36 -18.38 0.81 6.08
CA GLY B 36 -17.06 1.42 6.22
C GLY B 36 -17.05 2.52 7.25
N ILE B 37 -18.04 3.41 7.21
CA ILE B 37 -18.14 4.50 8.18
C ILE B 37 -18.31 3.96 9.59
N LEU B 38 -19.26 3.04 9.76
CA LEU B 38 -19.45 2.39 11.07
C LEU B 38 -18.18 1.72 11.56
N ALA B 39 -17.50 1.01 10.67
CA ALA B 39 -16.30 0.23 11.05
C ALA B 39 -15.19 1.18 11.46
N HIS B 40 -15.01 2.24 10.67
CA HIS B 40 -13.96 3.24 10.94
C HIS B 40 -14.13 3.81 12.34
N CYS B 41 -15.36 4.18 12.70
CA CYS B 41 -15.64 4.81 13.99
C CYS B 41 -15.80 3.84 15.13
N GLY B 42 -15.52 2.56 14.88
CA GLY B 42 -15.48 1.55 15.93
C GLY B 42 -16.87 1.14 16.40
N CYS B 43 -17.87 1.29 15.55
CA CYS B 43 -19.23 0.89 15.90
C CYS B 43 -19.47 -0.57 15.65
N SER B 44 -20.49 -1.08 16.31
CA SER B 44 -21.04 -2.41 16.07
C SER B 44 -22.47 -2.20 15.61
N TRP B 45 -22.94 -3.07 14.73
CA TRP B 45 -24.27 -2.95 14.18
C TRP B 45 -24.83 -4.31 13.80
N ASP B 46 -26.18 -4.40 13.75
CA ASP B 46 -26.88 -5.61 13.31
C ASP B 46 -27.08 -5.62 11.79
N GLU B 47 -27.00 -6.79 11.18
CA GLU B 47 -27.34 -6.96 9.77
C GLU B 47 -28.54 -7.91 9.65
N HIS B 48 -29.06 -8.04 8.43
CA HIS B 48 -30.26 -8.81 8.16
C HIS B 48 -30.11 -9.61 6.87
N ASP B 49 -30.82 -10.73 6.77
CA ASP B 49 -30.75 -11.59 5.59
C ASP B 49 -31.66 -11.10 4.46
N VAL B 50 -31.49 -11.66 3.26
CA VAL B 50 -32.23 -11.24 2.07
C VAL B 50 -33.74 -11.25 2.32
N ASP B 51 -34.25 -12.31 2.94
CA ASP B 51 -35.69 -12.40 3.22
C ASP B 51 -36.19 -11.25 4.11
N ALA B 52 -35.39 -10.86 5.10
CA ALA B 52 -35.76 -9.78 6.03
C ALA B 52 -35.74 -8.42 5.34
N ILE B 53 -34.78 -8.24 4.43
CA ILE B 53 -34.68 -7.01 3.66
C ILE B 53 -35.87 -6.88 2.68
N GLU B 54 -36.14 -7.93 1.92
CA GLU B 54 -37.33 -7.96 1.05
C GLU B 54 -38.62 -7.73 1.84
N GLY B 55 -38.73 -8.35 3.01
CA GLY B 55 -39.88 -8.12 3.90
C GLY B 55 -40.06 -6.66 4.28
N LEU B 56 -38.96 -5.96 4.59
CA LEU B 56 -39.02 -4.54 5.00
C LEU B 56 -39.42 -3.64 3.82
N MSE B 57 -39.01 -4.04 2.62
CA MSE B 57 -39.40 -3.31 1.42
C MSE B 57 -40.88 -3.47 1.10
O MSE B 57 -41.48 -2.55 0.57
CB MSE B 57 -38.54 -3.76 0.23
CG MSE B 57 -37.16 -3.20 0.34
SE MSE B 57 -35.89 -4.08 -0.79
CE MSE B 57 -34.29 -3.97 0.28
N ASP B 58 -41.46 -4.61 1.45
CA ASP B 58 -42.82 -4.94 1.01
C ASP B 58 -43.92 -4.78 2.07
N CYS B 59 -43.59 -4.28 3.24
CA CYS B 59 -44.54 -4.32 4.34
C CYS B 59 -45.49 -3.10 4.35
N GLY B 60 -45.29 -2.16 3.44
CA GLY B 60 -46.11 -0.93 3.39
C GLY B 60 -45.38 0.23 4.07
N ALA B 61 -45.53 1.44 3.51
CA ALA B 61 -44.79 2.63 3.96
C ALA B 61 -44.95 2.87 5.46
N GLU B 62 -46.19 2.75 5.94
CA GLU B 62 -46.53 3.04 7.35
C GLU B 62 -45.85 2.09 8.33
N LYS B 63 -45.47 0.90 7.86
CA LYS B 63 -44.85 -0.13 8.71
C LYS B 63 -43.32 -0.16 8.60
N GLN B 64 -42.74 0.58 7.66
CA GLN B 64 -41.30 0.69 7.55
C GLN B 64 -40.78 1.62 8.65
N PRO B 65 -39.50 1.46 9.06
CA PRO B 65 -38.94 2.35 10.11
C PRO B 65 -38.89 3.82 9.64
N VAL B 66 -38.56 4.00 8.38
CA VAL B 66 -38.85 5.22 7.63
C VAL B 66 -39.32 4.75 6.25
N ALA B 67 -40.22 5.46 5.57
CA ALA B 67 -40.58 5.09 4.18
C ALA B 67 -39.37 5.15 3.25
N PHE B 68 -39.17 4.10 2.45
CA PHE B 68 -38.03 3.97 1.59
C PHE B 68 -38.36 3.10 0.41
N MSE B 69 -37.51 3.15 -0.61
CA MSE B 69 -37.69 2.36 -1.79
C MSE B 69 -36.66 1.20 -1.78
O MSE B 69 -37.00 0.06 -1.85
CB MSE B 69 -37.51 3.27 -3.01
CG MSE B 69 -37.62 2.57 -4.36
SE MSE B 69 -39.27 1.78 -4.50
CE MSE B 69 -40.46 3.25 -5.04
N GLY B 70 -35.39 1.55 -1.77
CA GLY B 70 -34.32 0.56 -1.74
C GLY B 70 -33.38 0.78 -0.58
N PRO B 71 -32.72 -0.32 -0.14
CA PRO B 71 -31.75 -0.20 0.93
C PRO B 71 -30.46 0.45 0.41
N PRO B 72 -29.56 0.89 1.31
CA PRO B 72 -29.57 0.68 2.76
C PRO B 72 -30.65 1.42 3.55
N VAL B 73 -31.06 0.81 4.65
CA VAL B 73 -31.80 1.48 5.74
C VAL B 73 -31.03 1.33 7.06
N LEU B 74 -30.86 2.44 7.77
CA LEU B 74 -30.16 2.47 9.04
C LEU B 74 -31.11 2.94 10.14
N ILE B 75 -31.20 2.15 11.20
CA ILE B 75 -31.92 2.53 12.41
C ILE B 75 -30.88 2.86 13.50
N ASP B 76 -30.99 4.07 14.03
CA ASP B 76 -30.17 4.52 15.14
C ASP B 76 -31.01 4.34 16.41
N ARG B 77 -30.78 3.26 17.16
CA ARG B 77 -31.68 2.92 18.29
C ARG B 77 -31.59 3.89 19.47
N GLU B 78 -30.41 4.48 19.67
CA GLU B 78 -30.16 5.46 20.72
C GLU B 78 -30.96 6.76 20.49
N ARG B 79 -31.16 7.13 19.22
CA ARG B 79 -31.90 8.35 18.86
C ARG B 79 -33.30 8.05 18.38
N ASN B 80 -33.67 6.77 18.37
CA ASN B 80 -34.96 6.36 17.87
C ASN B 80 -35.25 6.98 16.48
N PHE B 81 -34.30 6.83 15.56
CA PHE B 81 -34.35 7.51 14.26
C PHE B 81 -33.94 6.55 13.19
N ALA B 82 -34.68 6.55 12.08
CA ALA B 82 -34.37 5.71 10.91
C ALA B 82 -34.20 6.59 9.67
N ILE B 83 -33.32 6.16 8.80
CA ILE B 83 -32.94 6.95 7.65
C ILE B 83 -32.56 6.00 6.52
N SER B 84 -33.01 6.33 5.30
CA SER B 84 -32.60 5.65 4.09
C SER B 84 -31.95 6.70 3.18
N GLN B 85 -31.59 6.25 1.98
CA GLN B 85 -30.77 6.98 0.98
C GLN B 85 -29.30 7.05 1.42
N MSE B 86 -28.47 6.23 0.77
CA MSE B 86 -27.07 6.10 1.19
C MSE B 86 -26.38 7.44 1.48
O MSE B 86 -25.82 7.61 2.56
CB MSE B 86 -26.27 5.25 0.17
CG MSE B 86 -24.82 4.98 0.63
SE MSE B 86 -23.53 6.50 0.34
CE MSE B 86 -23.28 6.21 -1.71
N PRO B 87 -26.49 8.43 0.55
CA PRO B 87 -25.92 9.75 0.83
C PRO B 87 -26.42 10.47 2.09
N ALA B 88 -27.72 10.36 2.40
CA ALA B 88 -28.29 10.91 3.63
C ALA B 88 -27.76 10.16 4.88
N ILE B 89 -27.67 8.82 4.80
CA ILE B 89 -27.16 8.02 5.93
C ILE B 89 -25.69 8.37 6.21
N ALA B 90 -24.89 8.47 5.14
CA ALA B 90 -23.46 8.74 5.27
C ALA B 90 -23.21 10.07 6.02
N ILE B 91 -23.95 11.13 5.65
CA ILE B 91 -23.73 12.45 6.25
C ILE B 91 -24.29 12.48 7.67
N TYR B 92 -25.41 11.79 7.90
CA TYR B 92 -25.97 11.61 9.22
C TYR B 92 -24.95 10.98 10.17
N LEU B 93 -24.37 9.87 9.76
CA LEU B 93 -23.37 9.21 10.57
C LEU B 93 -22.14 10.11 10.73
N GLY B 94 -21.81 10.87 9.70
CA GLY B 94 -20.65 11.77 9.81
C GLY B 94 -20.83 12.84 10.87
N GLU B 95 -22.06 13.33 11.03
CA GLU B 95 -22.36 14.29 12.11
C GLU B 95 -22.43 13.59 13.44
N ARG B 96 -23.17 12.48 13.48
CA ARG B 96 -23.34 11.68 14.69
C ARG B 96 -22.00 11.18 15.26
N LEU B 97 -21.08 10.77 14.38
CA LEU B 97 -19.81 10.20 14.82
C LEU B 97 -18.63 11.18 14.73
N ASP B 98 -18.91 12.42 14.36
CA ASP B 98 -17.91 13.49 14.40
C ASP B 98 -16.72 13.28 13.46
N ILE B 99 -17.01 12.88 12.23
CA ILE B 99 -15.99 12.72 11.21
C ILE B 99 -16.33 13.50 9.92
N LEU B 100 -16.88 14.71 10.09
CA LEU B 100 -17.06 15.66 8.99
C LEU B 100 -16.28 16.92 9.28
N PRO B 101 -15.96 17.71 8.25
CA PRO B 101 -15.33 19.02 8.55
C PRO B 101 -16.25 19.94 9.34
N ALA B 102 -15.66 20.98 9.93
CA ALA B 102 -16.38 21.89 10.82
C ALA B 102 -17.08 23.06 10.08
N THR B 103 -16.98 23.10 8.76
CA THR B 103 -17.58 24.17 7.99
C THR B 103 -18.76 23.66 7.20
N VAL B 104 -19.70 24.58 6.92
CA VAL B 104 -20.81 24.25 6.03
C VAL B 104 -20.30 23.86 4.64
N GLU B 105 -19.24 24.51 4.18
CA GLU B 105 -18.63 24.16 2.90
C GLU B 105 -18.08 22.74 2.89
N GLY B 106 -17.43 22.36 4.01
CA GLY B 106 -16.79 21.07 4.17
C GLY B 106 -17.82 19.98 4.20
N ARG B 107 -18.85 20.18 5.02
CA ARG B 107 -19.95 19.20 5.10
C ARG B 107 -20.70 19.10 3.76
N THR B 108 -20.83 20.22 3.06
CA THR B 108 -21.52 20.28 1.78
C THR B 108 -20.74 19.56 0.68
N LEU B 109 -19.43 19.84 0.57
CA LEU B 109 -18.55 19.08 -0.31
C LEU B 109 -18.54 17.57 0.02
N SER B 110 -18.61 17.23 1.29
CA SER B 110 -18.74 15.82 1.68
C SER B 110 -20.03 15.20 1.09
N ALA B 111 -21.15 15.92 1.21
CA ALA B 111 -22.42 15.49 0.59
C ALA B 111 -22.26 15.31 -0.92
N LYS B 112 -21.64 16.30 -1.60
CA LYS B 112 -21.34 16.20 -3.04
C LYS B 112 -20.57 14.91 -3.35
N ILE B 113 -19.50 14.67 -2.62
CA ILE B 113 -18.68 13.47 -2.82
C ILE B 113 -19.47 12.13 -2.65
N VAL B 114 -20.26 12.01 -1.58
CA VAL B 114 -21.13 10.79 -1.41
C VAL B 114 -22.18 10.66 -2.52
N ASN B 115 -22.76 11.76 -2.98
CA ASN B 115 -23.67 11.67 -4.13
C ASN B 115 -22.95 11.22 -5.42
N ASP B 116 -21.73 11.72 -5.61
CA ASP B 116 -20.92 11.29 -6.76
C ASP B 116 -20.68 9.80 -6.67
N ALA B 117 -20.21 9.33 -5.52
CA ALA B 117 -20.06 7.91 -5.27
C ALA B 117 -21.34 7.14 -5.51
N ASN B 118 -22.48 7.61 -4.95
CA ASN B 118 -23.77 6.95 -5.26
C ASN B 118 -23.97 6.81 -6.81
N ASP B 119 -23.65 7.89 -7.54
CA ASP B 119 -23.78 7.91 -8.99
C ASP B 119 -22.86 6.94 -9.69
N VAL B 120 -21.62 6.84 -9.23
CA VAL B 120 -20.66 5.94 -9.86
C VAL B 120 -21.14 4.48 -9.70
N LEU B 121 -21.69 4.14 -8.53
CA LEU B 121 -22.22 2.79 -8.28
C LEU B 121 -23.35 2.44 -9.25
N ASP B 122 -24.24 3.38 -9.48
CA ASP B 122 -25.28 3.18 -10.42
C ASP B 122 -24.79 3.06 -11.85
N GLU B 123 -23.85 3.90 -12.27
CA GLU B 123 -23.34 3.78 -13.63
C GLU B 123 -22.59 2.49 -13.89
N LEU B 124 -21.86 2.00 -12.90
CA LEU B 124 -21.15 0.70 -13.04
C LEU B 124 -22.12 -0.45 -13.23
N THR B 125 -23.33 -0.30 -12.72
CA THR B 125 -24.29 -1.38 -12.75
C THR B 125 -25.51 -1.02 -13.64
N LEU B 126 -25.34 -0.02 -14.50
CA LEU B 126 -26.38 0.35 -15.48
C LEU B 126 -27.72 0.52 -14.76
N ASN B 127 -27.66 1.19 -13.61
CA ASN B 127 -28.85 1.48 -12.80
C ASN B 127 -29.66 0.27 -12.29
N GLY B 128 -29.04 -0.89 -12.21
CA GLY B 128 -29.66 -2.07 -11.59
C GLY B 128 -30.94 -2.62 -12.23
N GLY B 129 -31.13 -2.36 -13.53
CA GLY B 129 -32.32 -2.74 -14.26
C GLY B 129 -32.07 -3.87 -15.24
N ARG B 130 -32.80 -3.82 -16.36
CA ARG B 130 -32.72 -4.86 -17.40
C ARG B 130 -31.52 -4.66 -18.35
N GLU B 131 -30.89 -3.49 -18.32
CA GLU B 131 -29.72 -3.22 -19.20
C GLU B 131 -28.42 -3.97 -18.77
N MSE B 132 -27.80 -4.65 -19.73
CA MSE B 132 -26.59 -5.41 -19.54
C MSE B 132 -25.43 -4.77 -20.26
O MSE B 132 -25.63 -4.01 -21.21
CB MSE B 132 -26.78 -6.84 -20.03
CG MSE B 132 -27.79 -7.62 -19.23
SE MSE B 132 -27.36 -7.86 -17.29
CE MSE B 132 -26.84 -9.72 -17.40
N TRP B 133 -24.21 -5.04 -19.78
CA TRP B 133 -23.00 -4.57 -20.42
C TRP B 133 -22.74 -5.33 -21.70
N THR B 134 -22.16 -4.64 -22.65
CA THR B 134 -21.54 -5.30 -23.78
C THR B 134 -20.12 -4.73 -23.85
N PRO B 135 -19.21 -5.38 -24.58
CA PRO B 135 -17.89 -4.77 -24.80
C PRO B 135 -17.96 -3.35 -25.36
N GLU B 136 -18.96 -3.11 -26.19
CA GLU B 136 -19.15 -1.81 -26.83
C GLU B 136 -19.60 -0.70 -25.85
N LYS B 137 -20.62 -0.96 -25.03
CA LYS B 137 -21.05 0.01 -24.01
C LYS B 137 -19.90 0.28 -23.05
N TRP B 138 -19.11 -0.76 -22.77
CA TRP B 138 -17.97 -0.63 -21.88
C TRP B 138 -16.88 0.31 -22.39
N GLN B 139 -16.48 0.16 -23.64
CA GLN B 139 -15.47 1.06 -24.24
C GLN B 139 -15.98 2.52 -24.28
N GLU B 140 -17.28 2.70 -24.51
CA GLU B 140 -17.90 4.02 -24.46
C GLU B 140 -17.82 4.61 -23.04
N PHE B 141 -18.00 3.76 -22.04
CA PHE B 141 -18.00 4.18 -20.63
C PHE B 141 -16.63 4.51 -20.04
N VAL B 142 -15.56 3.89 -20.54
CA VAL B 142 -14.21 4.09 -19.99
C VAL B 142 -13.83 5.58 -19.83
N PRO B 143 -13.93 6.38 -20.91
CA PRO B 143 -13.58 7.79 -20.70
C PRO B 143 -14.47 8.51 -19.66
N ARG B 144 -15.71 8.08 -19.50
CA ARG B 144 -16.60 8.65 -18.46
C ARG B 144 -16.17 8.22 -17.06
N LEU B 145 -15.85 6.95 -16.90
CA LEU B 145 -15.25 6.46 -15.68
C LEU B 145 -13.98 7.27 -15.33
N GLN B 146 -13.12 7.49 -16.33
CA GLN B 146 -11.89 8.27 -16.12
C GLN B 146 -12.23 9.67 -15.65
N LYS B 147 -13.25 10.26 -16.27
CA LYS B 147 -13.73 11.56 -15.86
C LYS B 147 -14.23 11.55 -14.39
N TRP B 148 -15.00 10.54 -14.00
CA TRP B 148 -15.39 10.41 -12.60
C TRP B 148 -14.17 10.34 -11.66
N ILE B 149 -13.19 9.52 -12.01
CA ILE B 149 -11.96 9.41 -11.23
C ILE B 149 -11.29 10.78 -11.11
N ARG B 150 -11.22 11.53 -12.21
CA ARG B 150 -10.61 12.88 -12.18
C ARG B 150 -11.39 13.89 -11.36
N ILE B 151 -12.70 13.67 -11.23
CA ILE B 151 -13.57 14.56 -10.44
C ILE B 151 -13.28 14.44 -8.96
N PHE B 152 -13.16 13.20 -8.51
CA PHE B 152 -12.62 12.89 -7.18
C PHE B 152 -11.20 13.37 -6.95
N ALA B 153 -10.32 13.21 -7.92
CA ALA B 153 -8.92 13.59 -7.79
C ALA B 153 -8.80 15.08 -7.64
N ASP B 154 -9.59 15.79 -8.42
CA ASP B 154 -9.47 17.22 -8.45
C ASP B 154 -9.81 17.89 -7.08
N THR B 155 -10.89 17.44 -6.46
CA THR B 155 -11.28 17.95 -5.15
C THR B 155 -10.18 17.73 -4.15
N GLY B 156 -9.67 16.48 -4.09
CA GLY B 156 -8.45 16.15 -3.33
C GLY B 156 -7.29 17.09 -3.61
N ALA B 157 -6.97 17.30 -4.90
CA ALA B 157 -5.82 18.15 -5.29
C ALA B 157 -5.96 19.58 -4.79
N ARG B 158 -7.17 20.16 -4.88
CA ARG B 158 -7.39 21.53 -4.40
C ARG B 158 -7.16 21.63 -2.90
N ASN B 159 -7.25 20.52 -2.20
CA ASN B 159 -6.95 20.46 -0.77
C ASN B 159 -5.62 19.81 -0.42
N GLY B 160 -4.68 19.80 -1.36
CA GLY B 160 -3.31 19.35 -1.09
C GLY B 160 -3.04 17.84 -1.14
N LEU B 161 -3.97 17.06 -1.68
CA LEU B 161 -3.88 15.62 -1.64
C LEU B 161 -2.73 15.13 -2.51
N SER B 162 -1.98 14.17 -1.97
CA SER B 162 -1.01 13.45 -2.77
C SER B 162 -1.31 11.96 -2.57
N ALA B 163 -0.68 11.12 -3.40
CA ALA B 163 -0.76 9.68 -3.23
C ALA B 163 -0.36 9.24 -1.81
N ALA B 164 0.67 9.89 -1.24
CA ALA B 164 1.34 9.41 -0.01
C ALA B 164 0.83 9.99 1.30
N SER B 165 0.16 11.13 1.21
CA SER B 165 -0.39 11.76 2.39
C SER B 165 -1.46 12.79 2.10
N GLY B 166 -2.19 13.10 3.15
CA GLY B 166 -3.35 13.96 3.10
C GLY B 166 -4.66 13.25 2.92
N PHE B 167 -5.71 14.02 3.16
CA PHE B 167 -7.04 13.53 3.02
C PHE B 167 -7.80 14.40 2.04
N MSE B 168 -8.94 13.89 1.63
CA MSE B 168 -9.70 14.46 0.52
C MSE B 168 -10.02 15.93 0.67
O MSE B 168 -9.95 16.66 -0.30
CB MSE B 168 -10.99 13.72 0.35
CG MSE B 168 -10.87 12.39 -0.25
SE MSE B 168 -10.49 12.53 -2.09
CE MSE B 168 -12.31 13.27 -2.45
N LEU B 169 -10.44 16.33 1.86
CA LEU B 169 -10.78 17.71 2.10
C LEU B 169 -9.72 18.39 2.95
N GLY B 170 -8.47 17.91 2.90
CA GLY B 170 -7.35 18.58 3.57
C GLY B 170 -7.45 18.63 5.09
N THR B 171 -8.16 17.66 5.67
CA THR B 171 -8.42 17.60 7.09
C THR B 171 -7.27 16.87 7.82
N GLU B 172 -7.22 17.01 9.15
CA GLU B 172 -6.24 16.34 9.99
C GLU B 172 -6.40 14.81 9.95
N LYS B 173 -7.66 14.37 9.95
CA LYS B 173 -7.99 12.96 9.99
C LYS B 173 -8.94 12.59 8.84
N ILE B 174 -9.00 11.28 8.62
CA ILE B 174 -10.02 10.64 7.79
C ILE B 174 -11.41 11.18 8.13
N GLY B 175 -12.16 11.55 7.10
CA GLY B 175 -13.56 11.92 7.28
C GLY B 175 -14.45 11.05 6.40
N VAL B 176 -15.76 11.33 6.40
CA VAL B 176 -16.68 10.58 5.56
C VAL B 176 -16.20 10.54 4.09
N ALA B 177 -15.73 11.68 3.58
CA ALA B 177 -15.34 11.81 2.17
C ALA B 177 -14.26 10.78 1.81
N ASP B 178 -13.32 10.60 2.72
CA ASP B 178 -12.22 9.62 2.55
C ASP B 178 -12.66 8.19 2.53
N ILE B 179 -13.48 7.85 3.50
CA ILE B 179 -14.05 6.49 3.62
C ILE B 179 -14.86 6.12 2.38
N VAL B 180 -15.73 7.03 1.94
CA VAL B 180 -16.66 6.75 0.87
C VAL B 180 -15.83 6.61 -0.42
N THR B 181 -14.90 7.53 -0.64
CA THR B 181 -14.00 7.45 -1.77
C THR B 181 -13.21 6.15 -1.78
N ALA B 182 -12.56 5.85 -0.67
CA ALA B 182 -11.66 4.66 -0.58
C ALA B 182 -12.41 3.34 -0.79
N ILE B 183 -13.58 3.19 -0.14
CA ILE B 183 -14.37 1.96 -0.30
C ILE B 183 -14.93 1.85 -1.72
N LEU B 184 -15.44 2.95 -2.29
CA LEU B 184 -15.92 2.94 -3.67
C LEU B 184 -14.86 2.38 -4.62
N TRP B 185 -13.68 3.00 -4.64
CA TRP B 185 -12.71 2.66 -5.66
C TRP B 185 -11.98 1.30 -5.38
N THR B 186 -11.62 1.05 -4.12
CA THR B 186 -10.94 -0.23 -3.76
C THR B 186 -11.82 -1.45 -3.97
N THR B 187 -13.10 -1.35 -3.65
CA THR B 187 -14.00 -2.51 -3.74
C THR B 187 -14.13 -3.00 -5.20
N VAL B 188 -14.33 -2.06 -6.11
CA VAL B 188 -14.45 -2.38 -7.54
C VAL B 188 -13.07 -2.74 -8.13
N ALA B 189 -12.01 -2.02 -7.75
CA ALA B 189 -10.65 -2.35 -8.19
C ALA B 189 -10.29 -3.80 -7.86
N ASP B 190 -10.59 -4.21 -6.63
CA ASP B 190 -10.11 -5.53 -6.15
C ASP B 190 -10.80 -6.66 -6.85
N ARG B 191 -11.93 -6.37 -7.53
CA ARG B 191 -12.75 -7.41 -8.14
C ARG B 191 -12.74 -7.44 -9.68
N PHE B 192 -12.27 -6.36 -10.30
CA PHE B 192 -12.32 -6.18 -11.76
C PHE B 192 -11.01 -5.56 -12.24
N PRO B 193 -10.06 -6.40 -12.70
CA PRO B 193 -8.71 -5.95 -13.10
C PRO B 193 -8.66 -4.75 -14.06
N ALA B 194 -9.56 -4.67 -15.04
CA ALA B 194 -9.59 -3.53 -15.96
C ALA B 194 -9.83 -2.19 -15.24
N ILE B 195 -10.71 -2.19 -14.23
CA ILE B 195 -11.03 -1.01 -13.48
C ILE B 195 -9.90 -0.60 -12.58
N LYS B 196 -9.32 -1.58 -11.88
CA LYS B 196 -8.09 -1.36 -11.16
C LYS B 196 -7.01 -0.61 -12.01
N GLY B 197 -6.79 -1.10 -13.23
CA GLY B 197 -5.78 -0.51 -14.13
C GLY B 197 -6.13 0.90 -14.56
N ILE B 198 -7.43 1.14 -14.77
CA ILE B 198 -7.97 2.47 -15.07
C ILE B 198 -7.74 3.46 -13.93
N ILE B 199 -8.01 3.05 -12.67
CA ILE B 199 -7.75 3.90 -11.51
C ILE B 199 -6.24 4.23 -11.40
N GLU B 200 -5.39 3.21 -11.39
CA GLU B 200 -3.94 3.35 -11.28
C GLU B 200 -3.39 4.26 -12.39
N ASP B 201 -3.95 4.13 -13.60
CA ASP B 201 -3.43 4.89 -14.75
C ASP B 201 -4.00 6.30 -14.74
N THR B 202 -5.21 6.50 -14.21
CA THR B 202 -5.85 7.80 -14.33
C THR B 202 -5.47 8.75 -13.19
N SER B 203 -5.45 8.23 -11.94
CA SER B 203 -5.19 9.05 -10.75
C SER B 203 -4.45 8.30 -9.65
N PRO B 204 -3.10 8.27 -9.72
CA PRO B 204 -2.28 7.82 -8.62
C PRO B 204 -2.65 8.41 -7.25
N ILE B 205 -3.13 9.66 -7.26
CA ILE B 205 -3.46 10.33 -6.03
C ILE B 205 -4.68 9.68 -5.40
N ILE B 206 -5.67 9.34 -6.23
CA ILE B 206 -6.90 8.71 -5.69
C ILE B 206 -6.55 7.25 -5.35
N TRP B 207 -5.76 6.61 -6.19
CA TRP B 207 -5.22 5.31 -5.83
C TRP B 207 -4.56 5.32 -4.43
N GLY B 208 -3.58 6.18 -4.25
CA GLY B 208 -2.85 6.24 -2.97
C GLY B 208 -3.76 6.54 -1.78
N LEU B 209 -4.59 7.56 -1.90
CA LEU B 209 -5.55 7.91 -0.81
C LEU B 209 -6.42 6.70 -0.45
N SER B 210 -6.97 6.06 -1.46
CA SER B 210 -7.89 4.96 -1.26
C SER B 210 -7.17 3.82 -0.56
N ARG B 211 -5.96 3.52 -1.00
CA ARG B 211 -5.18 2.40 -0.45
C ARG B 211 -4.64 2.70 0.98
N ARG B 212 -4.32 3.93 1.24
CA ARG B 212 -3.94 4.30 2.60
C ARG B 212 -5.17 4.12 3.53
N VAL B 213 -6.33 4.60 3.10
CA VAL B 213 -7.52 4.55 3.96
C VAL B 213 -7.89 3.10 4.30
N VAL B 214 -7.96 2.22 3.30
CA VAL B 214 -8.36 0.83 3.55
C VAL B 214 -7.28 -0.04 4.23
N ALA B 215 -6.04 0.44 4.29
CA ALA B 215 -4.99 -0.20 5.09
C ALA B 215 -5.15 0.01 6.60
N THR B 216 -5.91 1.02 7.04
CA THR B 216 -6.13 1.20 8.49
C THR B 216 -6.80 -0.07 9.04
N ALA B 217 -6.52 -0.42 10.31
CA ALA B 217 -6.96 -1.68 10.89
C ALA B 217 -8.48 -1.95 10.72
N PRO B 218 -9.35 -1.03 11.14
CA PRO B 218 -10.79 -1.33 11.05
C PRO B 218 -11.29 -1.58 9.63
N LEU B 219 -10.73 -0.90 8.62
CA LEU B 219 -11.19 -1.08 7.25
C LEU B 219 -10.49 -2.25 6.55
N ALA B 220 -9.27 -2.57 6.98
CA ALA B 220 -8.60 -3.78 6.55
C ALA B 220 -9.37 -5.01 7.05
N ALA B 221 -9.81 -4.95 8.30
CA ALA B 221 -10.65 -6.02 8.91
C ALA B 221 -12.03 -6.13 8.25
N LEU B 222 -12.69 -5.01 7.94
CA LEU B 222 -13.93 -5.04 7.18
C LEU B 222 -13.77 -5.66 5.80
N ASN B 223 -12.70 -5.29 5.11
CA ASN B 223 -12.45 -5.82 3.76
C ASN B 223 -12.27 -7.31 3.80
N SER B 224 -11.48 -7.82 4.75
CA SER B 224 -11.31 -9.28 4.87
C SER B 224 -12.60 -9.99 5.23
N LYS B 225 -13.35 -9.43 6.17
CA LYS B 225 -14.60 -10.05 6.64
C LYS B 225 -15.59 -10.12 5.49
N SER B 226 -15.56 -9.11 4.63
CA SER B 226 -16.48 -9.03 3.52
C SER B 226 -16.15 -10.10 2.45
N PHE B 227 -14.87 -10.30 2.17
CA PHE B 227 -14.48 -11.40 1.27
C PHE B 227 -14.86 -12.79 1.83
N GLU B 228 -14.76 -12.96 3.15
CA GLU B 228 -15.09 -14.23 3.80
C GLU B 228 -16.61 -14.47 3.82
N GLU B 229 -17.40 -13.42 3.99
CA GLU B 229 -18.87 -13.56 4.01
C GLU B 229 -19.51 -13.53 2.62
N TYR B 230 -18.94 -12.78 1.67
CA TYR B 230 -19.61 -12.55 0.37
C TYR B 230 -18.92 -13.20 -0.82
N GLY B 231 -17.79 -13.84 -0.57
CA GLY B 231 -16.93 -14.33 -1.64
C GLY B 231 -16.41 -13.19 -2.50
N ASN B 232 -16.42 -13.40 -3.82
CA ASN B 232 -15.91 -12.40 -4.77
C ASN B 232 -17.04 -11.48 -5.27
N ALA B 233 -18.25 -11.57 -4.71
CA ALA B 233 -19.37 -10.74 -5.12
C ALA B 233 -19.06 -9.24 -4.97
N TYR B 234 -19.60 -8.48 -5.92
CA TYR B 234 -19.54 -7.03 -5.96
C TYR B 234 -20.95 -6.52 -5.74
N CYS B 235 -21.85 -6.76 -6.70
CA CYS B 235 -23.25 -6.34 -6.57
C CYS B 235 -24.38 -7.40 -6.43
N GLY B 236 -24.28 -8.65 -6.82
CA GLY B 236 -23.95 -9.06 -8.15
C GLY B 236 -25.22 -9.20 -8.98
N GLY B 237 -25.88 -10.33 -8.91
CA GLY B 237 -26.98 -10.64 -9.86
C GLY B 237 -26.45 -10.81 -11.27
N GLU B 238 -27.33 -10.77 -12.27
CA GLU B 238 -26.88 -10.91 -13.66
C GLU B 238 -25.98 -9.75 -14.11
N ILE B 239 -26.22 -8.56 -13.54
CA ILE B 239 -25.48 -7.38 -13.95
C ILE B 239 -23.99 -7.55 -13.64
N GLU B 240 -23.69 -8.16 -12.49
CA GLU B 240 -22.29 -8.48 -12.14
C GLU B 240 -21.62 -9.40 -13.14
N LYS B 241 -22.33 -10.44 -13.57
CA LYS B 241 -21.81 -11.32 -14.61
C LYS B 241 -21.41 -10.56 -15.87
N SER B 242 -22.25 -9.61 -16.29
CA SER B 242 -21.97 -8.88 -17.53
C SER B 242 -20.82 -7.89 -17.36
N LEU B 243 -20.73 -7.25 -16.18
CA LEU B 243 -19.56 -6.43 -15.83
C LEU B 243 -18.26 -7.27 -15.79
N ARG B 244 -18.33 -8.46 -15.21
CA ARG B 244 -17.18 -9.38 -15.20
C ARG B 244 -16.67 -9.69 -16.61
N LYS B 245 -17.59 -9.86 -17.55
CA LYS B 245 -17.24 -10.19 -18.94
C LYS B 245 -16.51 -9.03 -19.59
N VAL B 246 -16.86 -7.78 -19.27
CA VAL B 246 -16.23 -6.62 -19.94
C VAL B 246 -15.10 -5.93 -19.14
N ALA B 247 -15.03 -6.14 -17.84
CA ALA B 247 -14.12 -5.33 -17.01
C ALA B 247 -13.10 -6.14 -16.26
N SER B 248 -12.89 -7.37 -16.73
CA SER B 248 -11.88 -8.23 -16.15
C SER B 248 -10.53 -8.14 -16.91
S SCN C . 8.84 4.28 1.47
C SCN C . 7.97 5.08 2.78
N SCN C . 7.24 5.49 3.61
S SCN D . 4.73 -4.55 -7.38
C SCN D . 3.76 -3.49 -8.42
N SCN D . 3.23 -2.63 -9.05
S SCN E . -4.90 6.51 6.55
C SCN E . -3.55 7.56 5.98
N SCN E . -2.78 8.33 5.49
S SCN F . -8.11 2.28 -5.51
C SCN F . -7.35 1.19 -6.71
N SCN F . -6.77 0.43 -7.42
#